data_8GTY
#
_entry.id   8GTY
#
_cell.length_a   122.023
_cell.length_b   47.118
_cell.length_c   89.480
_cell.angle_alpha   90.00
_cell.angle_beta   124.45
_cell.angle_gamma   90.00
#
_symmetry.space_group_name_H-M   'C 1 2 1'
#
loop_
_entity.id
_entity.type
_entity.pdbx_description
1 polymer 'Ppx/GppA phosphatase'
2 non-polymer 'MAGNESIUM ION'
3 water water
#
_entity_poly.entity_id   1
_entity_poly.type   'polypeptide(L)'
_entity_poly.pdbx_seq_one_letter_code
;GPGSIGIIDIGSNSIRLVVYDQLSRAPRILFNEKISAQLGRNIPVDGRIDEKAIELAISELTRFWKLAQIMELSSLRTVA
TAAVRDAKNGAFLLGEIAKIGLEVEVLSGEEEGYASGYGVLSAIPDADGIVGDLGGGSLELIRVSKGRVKDRVSLPLGVL
RIADIRKKSRNALDNFISEAFKKIDWLADARDLPFYMVGGAWRSLAKLDMHVRHYPIPVLHNYIMSPDRPSKLIRVIQRN
NPKKLKNKANISTSRVEQLSDAAALLAVVSRHLHSRALVTSAYGLREGLLYLSLDKATRKLDPLLWSANQRGETAGRFYQ
QGEALYDWMSTLFAQDPPAYHRLRHAACLLADSAWQANPDFRAEQILSIILHGRWVGLDAYGRALIGQALAVSYDGAMDK
KITNNLLSEADTIRAVRWGKAIRLGMRLSGGVTTSLKKSTILYRNNKIILQFSGNYKLKGETVLRRLRSLASSFEASEVV
EFL
;
_entity_poly.pdbx_strand_id   A
#
loop_
_chem_comp.id
_chem_comp.type
_chem_comp.name
_chem_comp.formula
MG non-polymer 'MAGNESIUM ION' 'Mg 2'
#
# COMPACT_ATOMS: atom_id res chain seq x y z
N SER A 4 18.38 -1.11 -6.28
CA SER A 4 19.67 -1.02 -5.58
C SER A 4 19.70 -1.87 -4.29
N ILE A 5 18.57 -2.28 -3.70
CA ILE A 5 18.71 -3.07 -2.44
C ILE A 5 17.79 -4.30 -2.47
N GLY A 6 18.24 -5.37 -1.84
CA GLY A 6 17.43 -6.60 -1.83
C GLY A 6 17.19 -7.15 -0.45
N ILE A 7 16.03 -7.78 -0.28
CA ILE A 7 15.77 -8.50 0.96
C ILE A 7 15.31 -9.91 0.61
N ILE A 8 15.91 -10.92 1.23
CA ILE A 8 15.47 -12.32 1.11
C ILE A 8 14.86 -12.66 2.47
N ASP A 9 13.59 -13.11 2.46
CA ASP A 9 12.81 -13.36 3.69
C ASP A 9 12.55 -14.87 3.72
N ILE A 10 13.25 -15.59 4.58
CA ILE A 10 13.12 -17.04 4.65
C ILE A 10 12.16 -17.38 5.78
N GLY A 11 11.03 -17.99 5.46
CA GLY A 11 10.10 -18.47 6.46
C GLY A 11 9.92 -19.98 6.36
N SER A 12 9.11 -20.51 7.26
CA SER A 12 8.88 -21.96 7.24
C SER A 12 7.93 -22.43 6.12
N ASN A 13 7.13 -21.52 5.54
CA ASN A 13 6.15 -21.92 4.51
C ASN A 13 6.43 -21.37 3.13
N SER A 14 7.38 -20.46 2.99
CA SER A 14 7.77 -19.92 1.69
C SER A 14 9.03 -19.09 1.89
N ILE A 15 9.64 -18.67 0.78
CA ILE A 15 10.81 -17.79 0.77
C ILE A 15 10.54 -16.74 -0.29
N ARG A 16 10.95 -15.50 -0.03
CA ARG A 16 10.68 -14.47 -1.01
C ARG A 16 11.88 -13.55 -1.14
N LEU A 17 12.19 -13.20 -2.39
CA LEU A 17 13.15 -12.13 -2.69
C LEU A 17 12.37 -10.88 -3.12
N VAL A 18 12.67 -9.74 -2.53
CA VAL A 18 12.15 -8.47 -3.06
C VAL A 18 13.32 -7.53 -3.29
N VAL A 19 13.40 -6.94 -4.49
CA VAL A 19 14.40 -5.93 -4.83
C VAL A 19 13.68 -4.59 -4.90
N TYR A 20 14.25 -3.59 -4.26
CA TYR A 20 13.73 -2.22 -4.20
C TYR A 20 14.68 -1.28 -4.93
N ASP A 21 14.14 -0.19 -5.48
CA ASP A 21 14.98 0.65 -6.34
C ASP A 21 16.05 1.41 -5.55
N GLN A 22 15.79 1.72 -4.28
CA GLN A 22 16.78 2.37 -3.43
C GLN A 22 16.24 2.33 -2.01
N LEU A 23 17.12 2.63 -1.05
CA LEU A 23 16.69 2.82 0.34
C LEU A 23 16.11 4.23 0.44
N SER A 24 14.80 4.37 0.39
CA SER A 24 14.18 5.70 0.39
C SER A 24 12.93 5.55 1.25
N ARG A 25 12.21 6.66 1.43
CA ARG A 25 11.03 6.63 2.30
C ARG A 25 9.99 5.63 1.79
N ALA A 26 9.81 5.54 0.49
CA ALA A 26 8.78 4.67 -0.08
C ALA A 26 9.27 4.08 -1.37
N PRO A 27 10.08 3.03 -1.31
CA PRO A 27 10.78 2.59 -2.52
C PRO A 27 9.92 1.76 -3.44
N ARG A 28 10.30 1.81 -4.70
CA ARG A 28 9.61 1.05 -5.72
C ARG A 28 10.12 -0.38 -5.77
N ILE A 29 9.21 -1.34 -5.92
CA ILE A 29 9.63 -2.73 -6.09
C ILE A 29 10.06 -2.99 -7.53
N LEU A 30 11.35 -3.32 -7.74
CA LEU A 30 11.86 -3.72 -9.06
C LEU A 30 11.65 -5.20 -9.36
N PHE A 31 11.61 -6.04 -8.32
CA PHE A 31 11.51 -7.48 -8.55
C PHE A 31 10.99 -8.14 -7.29
N ASN A 32 10.16 -9.15 -7.47
CA ASN A 32 9.48 -9.82 -6.37
C ASN A 32 9.25 -11.26 -6.79
N GLU A 33 9.83 -12.22 -6.07
CA GLU A 33 9.66 -13.62 -6.41
C GLU A 33 9.47 -14.44 -5.15
N LYS A 34 8.32 -15.13 -5.09
CA LYS A 34 8.04 -16.03 -3.98
C LYS A 34 8.21 -17.46 -4.44
N ILE A 35 8.81 -18.23 -3.52
CA ILE A 35 9.11 -19.67 -3.70
C ILE A 35 8.23 -20.42 -2.69
N SER A 36 7.64 -21.52 -3.11
CA SER A 36 6.78 -22.29 -2.21
C SER A 36 7.48 -23.50 -1.60
N ALA A 37 8.80 -23.47 -1.47
CA ALA A 37 9.44 -24.49 -0.62
C ALA A 37 9.00 -24.29 0.83
N GLN A 38 8.72 -25.39 1.51
CA GLN A 38 8.15 -25.37 2.86
C GLN A 38 9.15 -25.96 3.85
N LEU A 39 10.14 -25.16 4.30
CA LEU A 39 11.19 -25.72 5.13
C LEU A 39 10.64 -26.35 6.40
N GLY A 40 9.56 -25.80 6.93
CA GLY A 40 9.06 -26.27 8.22
C GLY A 40 8.12 -27.45 8.18
N ARG A 41 7.73 -27.95 7.00
CA ARG A 41 6.63 -28.91 6.97
C ARG A 41 7.00 -30.20 7.70
N ASN A 42 8.29 -30.60 7.69
CA ASN A 42 8.69 -31.88 8.27
C ASN A 42 8.96 -31.84 9.79
N ILE A 43 9.02 -30.68 10.42
CA ILE A 43 8.89 -30.65 11.90
C ILE A 43 7.50 -31.13 12.32
N GLY A 47 12.10 -31.91 15.57
CA GLY A 47 11.78 -32.35 14.23
C GLY A 47 12.84 -31.81 13.28
N ARG A 48 12.92 -32.45 12.13
CA ARG A 48 13.98 -32.12 11.20
C ARG A 48 13.36 -31.55 9.91
N ILE A 49 14.05 -30.56 9.31
CA ILE A 49 13.71 -30.10 7.97
C ILE A 49 14.08 -31.17 6.95
N ASP A 50 13.14 -31.50 6.06
CA ASP A 50 13.40 -32.62 5.16
C ASP A 50 14.37 -32.26 4.02
N GLU A 51 15.07 -33.28 3.53
CA GLU A 51 16.10 -33.07 2.53
C GLU A 51 15.54 -32.39 1.30
N LYS A 52 14.31 -32.74 0.89
CA LYS A 52 13.84 -32.21 -0.39
C LYS A 52 13.51 -30.73 -0.27
N ALA A 53 13.03 -30.31 0.91
CA ALA A 53 12.89 -28.88 1.19
C ALA A 53 14.22 -28.15 1.11
N ILE A 54 15.26 -28.74 1.70
CA ILE A 54 16.57 -28.10 1.69
C ILE A 54 17.08 -27.99 0.27
N GLU A 55 16.91 -29.06 -0.51
CA GLU A 55 17.36 -29.05 -1.89
C GLU A 55 16.65 -27.97 -2.70
N LEU A 56 15.32 -27.87 -2.55
CA LEU A 56 14.57 -26.80 -3.18
C LEU A 56 15.08 -25.43 -2.73
N ALA A 57 15.22 -25.24 -1.42
CA ALA A 57 15.61 -23.93 -0.89
C ALA A 57 16.99 -23.48 -1.37
N ILE A 58 17.97 -24.40 -1.43
CA ILE A 58 19.31 -23.94 -1.77
C ILE A 58 19.38 -23.56 -3.26
N SER A 59 18.68 -24.30 -4.11
CA SER A 59 18.63 -23.91 -5.52
C SER A 59 17.99 -22.54 -5.70
N GLU A 60 16.89 -22.26 -4.95
CA GLU A 60 16.19 -20.98 -5.12
C GLU A 60 17.01 -19.85 -4.54
N LEU A 61 17.58 -20.07 -3.37
CA LEU A 61 18.41 -19.05 -2.76
C LEU A 61 19.62 -18.76 -3.64
N THR A 62 20.18 -19.79 -4.27
CA THR A 62 21.29 -19.57 -5.20
C THR A 62 20.85 -18.74 -6.41
N ARG A 63 19.63 -18.95 -6.88
CA ARG A 63 19.12 -18.05 -7.90
C ARG A 63 18.96 -16.61 -7.37
N PHE A 64 18.48 -16.46 -6.15
CA PHE A 64 18.33 -15.11 -5.60
C PHE A 64 19.68 -14.42 -5.49
N TRP A 65 20.71 -15.14 -5.06
CA TRP A 65 22.06 -14.57 -5.01
C TRP A 65 22.51 -14.12 -6.39
N LYS A 66 22.28 -14.97 -7.40
CA LYS A 66 22.76 -14.69 -8.74
C LYS A 66 22.04 -13.47 -9.34
N LEU A 67 20.73 -13.37 -9.12
CA LEU A 67 20.01 -12.20 -9.57
C LEU A 67 20.59 -10.94 -8.93
N ALA A 68 20.91 -11.02 -7.63
CA ALA A 68 21.48 -9.85 -6.97
C ALA A 68 22.80 -9.44 -7.62
N GLN A 69 23.63 -10.43 -8.02
CA GLN A 69 24.88 -10.09 -8.71
C GLN A 69 24.61 -9.38 -10.04
N ILE A 70 23.73 -9.94 -10.87
CA ILE A 70 23.58 -9.36 -12.21
C ILE A 70 22.84 -8.03 -12.17
N MET A 71 21.97 -7.81 -11.16
CA MET A 71 21.36 -6.50 -10.94
C MET A 71 22.30 -5.52 -10.27
N GLU A 72 23.50 -5.96 -9.86
CA GLU A 72 24.50 -5.08 -9.22
C GLU A 72 23.94 -4.36 -7.96
N LEU A 73 23.31 -5.13 -7.08
CA LEU A 73 22.67 -4.53 -5.91
C LEU A 73 23.72 -3.89 -5.00
N SER A 74 23.34 -2.77 -4.38
CA SER A 74 24.19 -2.13 -3.39
C SER A 74 24.08 -2.77 -2.01
N SER A 75 23.16 -3.74 -1.82
CA SER A 75 22.98 -4.37 -0.52
C SER A 75 22.01 -5.53 -0.70
N LEU A 76 22.34 -6.68 -0.09
CA LEU A 76 21.44 -7.84 -0.07
C LEU A 76 21.38 -8.36 1.35
N ARG A 77 20.21 -8.30 1.95
CA ARG A 77 20.03 -8.73 3.32
C ARG A 77 19.21 -10.01 3.32
N THR A 78 19.66 -11.03 4.08
CA THR A 78 18.93 -12.29 4.20
C THR A 78 18.49 -12.47 5.66
N VAL A 79 17.19 -12.63 5.90
CA VAL A 79 16.70 -12.88 7.25
C VAL A 79 15.98 -14.22 7.26
N ALA A 80 15.99 -14.86 8.40
CA ALA A 80 15.23 -16.08 8.61
C ALA A 80 14.53 -16.00 9.95
N THR A 81 13.44 -16.72 10.08
CA THR A 81 12.72 -16.76 11.35
C THR A 81 13.35 -17.74 12.36
N ALA A 82 13.12 -17.46 13.65
CA ALA A 82 13.56 -18.41 14.66
C ALA A 82 12.95 -19.78 14.41
N ALA A 83 11.77 -19.83 13.77
CA ALA A 83 11.15 -21.12 13.46
C ALA A 83 12.10 -22.00 12.66
N VAL A 84 12.72 -21.43 11.63
CA VAL A 84 13.59 -22.28 10.83
C VAL A 84 14.86 -22.61 11.63
N ARG A 85 15.42 -21.63 12.32
CA ARG A 85 16.66 -21.84 13.07
C ARG A 85 16.56 -22.99 14.07
N ASP A 86 15.43 -23.12 14.76
CA ASP A 86 15.30 -24.04 15.88
C ASP A 86 14.87 -25.45 15.47
N ALA A 87 14.79 -25.75 14.17
CA ALA A 87 14.74 -27.14 13.73
C ALA A 87 15.98 -27.89 14.21
N LYS A 88 15.81 -29.22 14.39
CA LYS A 88 16.95 -30.07 14.77
C LYS A 88 18.18 -29.75 13.95
N ASN A 89 18.04 -29.70 12.62
CA ASN A 89 19.12 -29.39 11.70
C ASN A 89 19.13 -27.92 11.24
N GLY A 90 18.47 -27.03 12.00
CA GLY A 90 18.37 -25.65 11.56
C GLY A 90 19.71 -24.99 11.41
N ALA A 91 20.60 -25.20 12.39
CA ALA A 91 21.89 -24.55 12.33
C ALA A 91 22.67 -25.04 11.12
N PHE A 92 22.53 -26.33 10.78
CA PHE A 92 23.24 -26.83 9.61
C PHE A 92 22.74 -26.16 8.33
N LEU A 93 21.42 -26.07 8.18
CA LEU A 93 20.90 -25.40 6.99
C LEU A 93 21.41 -23.98 6.87
N LEU A 94 21.51 -23.25 8.00
CA LEU A 94 21.98 -21.86 7.90
C LEU A 94 23.39 -21.78 7.39
N GLY A 95 24.23 -22.77 7.72
CA GLY A 95 25.58 -22.74 7.18
C GLY A 95 25.63 -23.07 5.70
N GLU A 96 24.77 -23.98 5.25
CA GLU A 96 24.69 -24.28 3.82
C GLU A 96 24.24 -23.06 3.03
N ILE A 97 23.36 -22.24 3.61
CA ILE A 97 22.98 -21.00 2.95
C ILE A 97 24.14 -20.02 2.86
N ALA A 98 24.93 -19.90 3.95
CA ALA A 98 26.07 -19.00 3.96
C ALA A 98 27.03 -19.28 2.81
N LYS A 99 27.13 -20.53 2.44
CA LYS A 99 28.10 -20.87 1.37
C LYS A 99 27.57 -20.44 0.01
N ILE A 100 26.33 -20.18 -0.09
CA ILE A 100 25.89 -19.54 -1.32
C ILE A 100 26.53 -18.17 -1.45
N GLY A 101 26.84 -17.54 -0.33
CA GLY A 101 27.22 -16.16 -0.27
C GLY A 101 26.20 -15.29 0.45
N LEU A 102 25.31 -15.89 1.22
CA LEU A 102 24.21 -15.20 1.90
C LEU A 102 24.33 -15.46 3.38
N GLU A 103 24.84 -14.46 4.10
CA GLU A 103 24.89 -14.51 5.59
C GLU A 103 23.46 -14.34 6.12
N VAL A 104 23.00 -15.25 7.00
CA VAL A 104 21.62 -15.23 7.44
C VAL A 104 21.54 -14.52 8.78
N GLU A 105 20.69 -13.54 8.86
CA GLU A 105 20.43 -12.80 10.08
C GLU A 105 19.18 -13.43 10.67
N VAL A 106 19.31 -14.12 11.79
CA VAL A 106 18.16 -14.80 12.35
C VAL A 106 17.40 -13.79 13.21
N LEU A 107 16.10 -13.62 12.94
CA LEU A 107 15.30 -12.65 13.70
C LEU A 107 14.65 -13.33 14.91
N SER A 108 14.87 -12.77 16.10
CA SER A 108 14.12 -13.16 17.30
C SER A 108 12.64 -12.83 17.13
N GLY A 109 11.81 -13.32 18.05
CA GLY A 109 10.41 -12.91 18.01
C GLY A 109 10.30 -11.40 18.12
N GLU A 110 11.16 -10.80 18.96
CA GLU A 110 11.09 -9.36 19.21
C GLU A 110 11.39 -8.59 17.96
N GLU A 111 12.47 -8.97 17.29
CA GLU A 111 12.88 -8.29 16.08
C GLU A 111 11.87 -8.51 14.96
N GLU A 112 11.25 -9.68 14.91
CA GLU A 112 10.26 -9.96 13.84
C GLU A 112 9.03 -9.08 14.05
N GLY A 113 8.49 -9.04 15.28
CA GLY A 113 7.30 -8.27 15.55
C GLY A 113 7.54 -6.78 15.39
N TYR A 114 8.69 -6.28 15.86
CA TYR A 114 9.02 -4.87 15.62
C TYR A 114 9.06 -4.54 14.12
N ALA A 115 9.67 -5.41 13.30
CA ALA A 115 9.74 -5.11 11.87
C ALA A 115 8.36 -5.11 11.23
N SER A 116 7.53 -6.09 11.56
CA SER A 116 6.20 -6.14 10.96
C SER A 116 5.36 -4.95 11.41
N GLY A 117 5.43 -4.58 12.69
CA GLY A 117 4.68 -3.43 13.17
C GLY A 117 5.11 -2.10 12.57
N TYR A 118 6.43 -1.89 12.43
CA TYR A 118 6.89 -0.68 11.75
C TYR A 118 6.65 -0.76 10.26
N GLY A 119 6.47 -1.96 9.70
CA GLY A 119 6.02 -2.02 8.32
C GLY A 119 4.65 -1.43 8.14
N VAL A 120 3.74 -1.75 9.07
CA VAL A 120 2.41 -1.15 9.01
C VAL A 120 2.49 0.36 9.26
N LEU A 121 3.28 0.81 10.25
CA LEU A 121 3.41 2.25 10.52
C LEU A 121 4.06 2.98 9.36
N SER A 122 4.96 2.30 8.63
CA SER A 122 5.50 2.90 7.38
C SER A 122 4.39 3.20 6.36
N ALA A 123 3.50 2.25 6.12
CA ALA A 123 2.44 2.37 5.14
C ALA A 123 1.24 3.16 5.65
N ILE A 124 1.04 3.17 6.96
CA ILE A 124 -0.13 3.76 7.59
C ILE A 124 0.36 4.58 8.77
N PRO A 125 0.91 5.78 8.56
CA PRO A 125 1.61 6.45 9.66
C PRO A 125 0.73 6.75 10.84
N ASP A 126 -0.58 6.88 10.65
CA ASP A 126 -1.52 7.17 11.71
C ASP A 126 -2.14 5.92 12.28
N ALA A 127 -1.54 4.75 12.06
CA ALA A 127 -2.14 3.52 12.53
C ALA A 127 -2.28 3.55 14.06
N ASP A 128 -3.38 3.00 14.56
CA ASP A 128 -3.56 2.91 16.02
C ASP A 128 -4.42 1.67 16.27
N GLY A 129 -3.79 0.54 16.56
CA GLY A 129 -4.50 -0.72 16.54
C GLY A 129 -3.53 -1.86 16.76
N ILE A 130 -3.95 -3.04 16.35
CA ILE A 130 -3.13 -4.23 16.51
C ILE A 130 -2.74 -4.71 15.12
N VAL A 131 -1.45 -4.92 14.93
CA VAL A 131 -0.93 -5.55 13.71
C VAL A 131 -0.93 -7.07 13.87
N GLY A 132 -1.45 -7.80 12.88
CA GLY A 132 -1.35 -9.27 12.89
C GLY A 132 -0.55 -9.75 11.70
N ASP A 133 0.64 -10.31 11.94
CA ASP A 133 1.45 -10.92 10.89
C ASP A 133 1.30 -12.44 11.01
N LEU A 134 0.50 -13.03 10.13
CA LEU A 134 0.36 -14.49 10.06
C LEU A 134 1.35 -15.01 9.01
N GLY A 135 2.39 -15.71 9.44
CA GLY A 135 3.33 -16.31 8.54
C GLY A 135 3.24 -17.83 8.55
N GLY A 136 4.28 -18.47 8.00
CA GLY A 136 4.29 -19.94 7.99
C GLY A 136 4.43 -20.57 9.36
N GLY A 137 5.26 -19.98 10.21
CA GLY A 137 5.54 -20.58 11.50
C GLY A 137 5.04 -19.84 12.71
N SER A 138 4.66 -18.56 12.56
CA SER A 138 4.27 -17.78 13.73
C SER A 138 3.15 -16.81 13.38
N LEU A 139 2.41 -16.44 14.42
CA LEU A 139 1.51 -15.28 14.42
C LEU A 139 2.12 -14.22 15.33
N GLU A 140 2.48 -13.08 14.76
CA GLU A 140 2.96 -11.93 15.53
C GLU A 140 1.80 -10.98 15.76
N LEU A 141 1.58 -10.57 17.02
CA LEU A 141 0.61 -9.52 17.33
C LEU A 141 1.34 -8.35 17.96
N ILE A 142 1.12 -7.16 17.39
CA ILE A 142 1.91 -5.96 17.71
C ILE A 142 0.94 -4.78 17.94
N ARG A 143 1.05 -4.13 19.08
CA ARG A 143 0.27 -2.91 19.32
C ARG A 143 1.03 -1.72 18.73
N VAL A 144 0.40 -0.94 17.89
CA VAL A 144 1.03 0.26 17.38
C VAL A 144 0.16 1.46 17.72
N SER A 145 0.81 2.55 18.03
CA SER A 145 0.11 3.76 18.43
C SER A 145 1.10 4.91 18.30
N LYS A 146 0.61 6.11 17.97
CA LYS A 146 1.42 7.31 18.14
C LYS A 146 2.75 7.21 17.41
N GLY A 147 2.76 6.50 16.27
CA GLY A 147 3.97 6.35 15.51
C GLY A 147 4.95 5.33 16.06
N ARG A 148 4.55 4.55 17.08
CA ARG A 148 5.49 3.63 17.71
C ARG A 148 4.89 2.24 17.87
N VAL A 149 5.78 1.25 17.91
CA VAL A 149 5.40 -0.05 18.44
C VAL A 149 5.30 0.04 19.96
N LYS A 150 4.19 -0.43 20.52
CA LYS A 150 4.03 -0.26 21.96
C LYS A 150 4.14 -1.54 22.77
N ASP A 151 3.80 -2.64 22.11
CA ASP A 151 3.77 -3.96 22.77
C ASP A 151 3.75 -5.02 21.68
N ARG A 152 4.17 -6.23 22.04
CA ARG A 152 4.23 -7.28 21.02
C ARG A 152 4.22 -8.66 21.67
N VAL A 153 3.68 -9.65 20.98
CA VAL A 153 3.73 -11.06 21.42
C VAL A 153 3.98 -11.90 20.16
N SER A 154 4.71 -13.02 20.31
CA SER A 154 4.95 -13.93 19.17
C SER A 154 4.33 -15.27 19.52
N LEU A 155 3.41 -15.77 18.68
CA LEU A 155 2.71 -17.00 19.02
C LEU A 155 2.96 -18.12 18.01
N PRO A 156 2.87 -19.39 18.44
CA PRO A 156 3.08 -20.55 17.54
C PRO A 156 1.83 -20.93 16.77
N LEU A 157 1.38 -20.00 15.95
CA LEU A 157 0.10 -20.09 15.26
C LEU A 157 0.28 -19.79 13.79
N GLY A 158 1.45 -20.07 13.24
CA GLY A 158 1.62 -19.94 11.82
C GLY A 158 0.67 -20.85 11.05
N VAL A 159 0.63 -20.61 9.73
CA VAL A 159 -0.29 -21.31 8.85
C VAL A 159 -0.07 -22.83 8.95
N LEU A 160 1.20 -23.26 8.99
CA LEU A 160 1.53 -24.69 9.09
C LEU A 160 1.02 -25.29 10.39
N ARG A 161 0.98 -24.50 11.47
CA ARG A 161 0.57 -25.02 12.76
C ARG A 161 -0.95 -25.08 12.91
N ILE A 162 -1.70 -24.38 12.06
CA ILE A 162 -3.14 -24.29 12.25
C ILE A 162 -3.85 -25.62 11.98
N ALA A 163 -3.40 -26.38 10.98
CA ALA A 163 -4.09 -27.64 10.67
C ALA A 163 -4.00 -28.61 11.84
N ASP A 164 -2.87 -28.62 12.53
CA ASP A 164 -2.69 -29.50 13.68
C ASP A 164 -3.65 -29.17 14.84
N ILE A 165 -4.17 -27.95 14.92
CA ILE A 165 -5.12 -27.61 15.96
C ILE A 165 -6.56 -27.70 15.49
N ARG A 166 -6.81 -27.30 14.25
CA ARG A 166 -8.17 -27.09 13.76
C ARG A 166 -8.81 -28.36 13.21
N ALA A 172 -11.72 -26.16 19.02
CA ALA A 172 -10.32 -26.28 19.45
C ALA A 172 -9.50 -25.04 19.13
N LEU A 173 -9.69 -24.46 17.93
CA LEU A 173 -8.96 -23.24 17.60
C LEU A 173 -9.41 -22.11 18.52
N ASP A 174 -10.70 -22.00 18.79
CA ASP A 174 -11.16 -20.98 19.71
C ASP A 174 -10.53 -21.15 21.09
N ASN A 175 -10.48 -22.38 21.58
CA ASN A 175 -9.95 -22.59 22.91
C ASN A 175 -8.46 -22.27 22.97
N PHE A 176 -7.71 -22.58 21.91
CA PHE A 176 -6.29 -22.24 21.93
C PHE A 176 -6.08 -20.71 22.02
N ILE A 177 -6.80 -19.95 21.20
CA ILE A 177 -6.66 -18.49 21.25
C ILE A 177 -7.08 -17.96 22.60
N SER A 178 -8.25 -18.39 23.08
CA SER A 178 -8.73 -17.98 24.38
C SER A 178 -7.66 -18.17 25.45
N GLU A 179 -7.06 -19.36 25.49
CA GLU A 179 -6.03 -19.67 26.48
C GLU A 179 -4.82 -18.75 26.29
N ALA A 180 -4.32 -18.65 25.07
CA ALA A 180 -3.16 -17.80 24.84
C ALA A 180 -3.45 -16.36 25.20
N PHE A 181 -4.63 -15.87 24.83
CA PHE A 181 -4.89 -14.41 24.99
C PHE A 181 -4.99 -14.01 26.46
N LYS A 182 -5.37 -14.94 27.33
CA LYS A 182 -5.56 -14.59 28.75
C LYS A 182 -4.23 -14.08 29.34
N LYS A 183 -3.10 -14.58 28.86
CA LYS A 183 -1.79 -14.21 29.44
C LYS A 183 -1.26 -12.87 28.91
N ILE A 184 -1.92 -12.28 27.91
CA ILE A 184 -1.43 -11.02 27.28
C ILE A 184 -2.22 -9.85 27.86
N ASP A 185 -1.62 -9.17 28.83
CA ASP A 185 -2.39 -8.21 29.63
C ASP A 185 -2.69 -6.93 28.86
N TRP A 186 -1.95 -6.62 27.80
CA TRP A 186 -2.23 -5.38 27.09
C TRP A 186 -3.39 -5.49 26.07
N LEU A 187 -3.89 -6.69 25.79
CA LEU A 187 -5.04 -6.78 24.88
C LEU A 187 -6.25 -6.03 25.41
N ALA A 188 -6.42 -5.96 26.73
CA ALA A 188 -7.65 -5.40 27.27
C ALA A 188 -7.74 -3.90 27.05
N ASP A 189 -6.61 -3.20 27.02
CA ASP A 189 -6.60 -1.79 26.68
C ASP A 189 -6.58 -1.52 25.20
N ALA A 190 -6.65 -2.55 24.36
CA ALA A 190 -6.54 -2.35 22.92
C ALA A 190 -7.77 -2.80 22.18
N ARG A 191 -8.93 -2.80 22.87
CA ARG A 191 -10.15 -3.37 22.24
C ARG A 191 -10.80 -2.37 21.29
N ASP A 192 -11.65 -2.86 20.38
CA ASP A 192 -12.42 -2.01 19.45
C ASP A 192 -11.50 -1.19 18.53
N LEU A 193 -10.34 -1.73 18.19
CA LEU A 193 -9.39 -1.07 17.30
C LEU A 193 -9.28 -1.82 15.97
N PRO A 194 -8.70 -1.19 14.94
CA PRO A 194 -8.47 -1.92 13.68
C PRO A 194 -7.47 -3.03 13.89
N PHE A 195 -7.57 -4.05 13.04
CA PHE A 195 -6.62 -5.15 13.00
C PHE A 195 -5.92 -5.04 11.66
N TYR A 196 -4.63 -4.70 11.69
CA TYR A 196 -3.90 -4.47 10.45
C TYR A 196 -3.25 -5.79 10.04
N MET A 197 -3.69 -6.37 8.93
CA MET A 197 -3.29 -7.71 8.46
C MET A 197 -2.06 -7.62 7.55
N VAL A 198 -1.03 -8.38 7.88
CA VAL A 198 0.11 -8.53 6.99
C VAL A 198 0.44 -10.02 6.90
N GLY A 199 1.37 -10.32 6.01
CA GLY A 199 1.61 -11.71 5.69
C GLY A 199 0.90 -12.12 4.41
N GLY A 200 1.40 -13.18 3.79
CA GLY A 200 0.89 -13.57 2.49
C GLY A 200 -0.52 -14.16 2.55
N ALA A 201 -0.78 -15.02 3.54
CA ALA A 201 -2.08 -15.69 3.62
C ALA A 201 -3.21 -14.69 3.77
N TRP A 202 -3.05 -13.69 4.64
CA TRP A 202 -4.16 -12.77 4.86
C TRP A 202 -4.28 -11.76 3.77
N ARG A 203 -3.17 -11.31 3.17
CA ARG A 203 -3.31 -10.52 1.95
C ARG A 203 -4.02 -11.29 0.84
N SER A 204 -3.76 -12.60 0.70
CA SER A 204 -4.44 -13.40 -0.32
C SER A 204 -5.92 -13.56 0.01
N LEU A 205 -6.25 -13.67 1.30
CA LEU A 205 -7.65 -13.76 1.69
C LEU A 205 -8.39 -12.45 1.37
N ALA A 206 -7.72 -11.29 1.50
CA ALA A 206 -8.36 -10.04 1.09
C ALA A 206 -8.61 -9.99 -0.42
N LYS A 207 -7.70 -10.57 -1.21
CA LYS A 207 -7.91 -10.60 -2.67
C LYS A 207 -9.10 -11.50 -3.00
N LEU A 208 -9.27 -12.58 -2.22
CA LEU A 208 -10.46 -13.41 -2.36
C LEU A 208 -11.74 -12.62 -2.07
N ASP A 209 -11.75 -11.90 -0.94
CA ASP A 209 -12.89 -11.09 -0.59
C ASP A 209 -13.21 -10.04 -1.67
N MET A 210 -12.20 -9.34 -2.19
CA MET A 210 -12.44 -8.40 -3.28
C MET A 210 -13.18 -9.07 -4.42
N HIS A 211 -12.72 -10.27 -4.80
CA HIS A 211 -13.33 -11.02 -5.91
C HIS A 211 -14.75 -11.45 -5.58
N VAL A 212 -14.96 -12.00 -4.38
CA VAL A 212 -16.27 -12.50 -3.98
C VAL A 212 -17.29 -11.37 -3.96
N ARG A 213 -16.87 -10.21 -3.53
CA ARG A 213 -17.74 -9.08 -3.37
C ARG A 213 -17.88 -8.23 -4.61
N HIS A 214 -17.04 -8.46 -5.63
CA HIS A 214 -17.02 -7.64 -6.84
C HIS A 214 -16.88 -6.16 -6.45
N TYR A 215 -15.86 -5.85 -5.62
CA TYR A 215 -15.74 -4.52 -5.03
C TYR A 215 -15.04 -3.56 -6.00
N PRO A 216 -15.76 -2.61 -6.59
CA PRO A 216 -15.24 -1.93 -7.80
C PRO A 216 -13.87 -1.25 -7.68
N ILE A 217 -13.26 -1.14 -6.50
CA ILE A 217 -11.86 -0.77 -6.38
C ILE A 217 -11.12 -1.91 -5.67
N PRO A 218 -10.47 -2.77 -6.42
CA PRO A 218 -9.67 -3.85 -5.85
C PRO A 218 -8.31 -3.32 -5.44
N VAL A 219 -8.26 -2.60 -4.32
CA VAL A 219 -7.01 -2.08 -3.80
C VAL A 219 -6.51 -3.04 -2.72
N LEU A 220 -5.31 -3.58 -2.91
CA LEU A 220 -4.68 -4.28 -1.80
C LEU A 220 -4.56 -3.35 -0.59
N HIS A 221 -3.74 -2.29 -0.71
CA HIS A 221 -3.46 -1.42 0.47
C HIS A 221 -4.71 -0.81 1.08
N ASN A 222 -4.87 -0.98 2.38
CA ASN A 222 -5.98 -0.32 3.11
C ASN A 222 -7.34 -0.90 2.70
N TYR A 223 -7.33 -2.07 2.08
CA TYR A 223 -8.63 -2.74 1.85
C TYR A 223 -9.25 -2.99 3.23
N ILE A 224 -10.54 -2.66 3.37
CA ILE A 224 -11.19 -2.83 4.69
C ILE A 224 -12.21 -3.98 4.65
N MET A 225 -12.18 -4.82 5.67
CA MET A 225 -13.15 -5.93 5.79
C MET A 225 -13.85 -5.88 7.15
N SER A 226 -15.14 -6.18 7.17
CA SER A 226 -15.87 -6.34 8.45
C SER A 226 -15.31 -7.55 9.20
N PRO A 227 -15.33 -7.58 10.54
CA PRO A 227 -14.93 -8.79 11.28
C PRO A 227 -15.79 -10.04 11.03
N ASP A 228 -16.91 -9.88 10.32
CA ASP A 228 -17.78 -11.03 9.96
C ASP A 228 -17.33 -11.68 8.65
N ARG A 229 -16.48 -11.01 7.88
CA ARG A 229 -16.08 -11.54 6.55
C ARG A 229 -15.30 -12.87 6.66
N PRO A 230 -14.29 -13.03 7.54
CA PRO A 230 -13.53 -14.29 7.59
C PRO A 230 -14.37 -15.58 7.69
N SER A 231 -15.33 -15.61 8.60
CA SER A 231 -16.24 -16.78 8.73
C SER A 231 -16.96 -17.04 7.40
N LYS A 232 -17.41 -15.98 6.74
CA LYS A 232 -18.07 -16.10 5.41
C LYS A 232 -17.09 -16.59 4.33
N LEU A 233 -15.81 -16.20 4.40
CA LEU A 233 -14.81 -16.71 3.42
C LEU A 233 -14.55 -18.21 3.59
N ILE A 234 -14.58 -18.72 4.81
CA ILE A 234 -14.43 -20.20 5.03
C ILE A 234 -15.51 -20.89 4.19
N ARG A 235 -16.73 -20.40 4.30
CA ARG A 235 -17.87 -21.00 3.56
C ARG A 235 -17.68 -20.83 2.04
N VAL A 236 -17.15 -19.69 1.61
CA VAL A 236 -16.87 -19.50 0.16
C VAL A 236 -15.91 -20.60 -0.32
N ILE A 237 -14.88 -20.87 0.48
CA ILE A 237 -13.86 -21.84 0.02
C ILE A 237 -14.49 -23.24 -0.03
N GLN A 238 -15.29 -23.55 0.97
CA GLN A 238 -15.95 -24.87 1.01
C GLN A 238 -16.98 -25.02 -0.11
N ARG A 239 -17.53 -23.91 -0.59
CA ARG A 239 -18.65 -23.98 -1.57
C ARG A 239 -18.13 -23.84 -3.01
N ASN A 240 -16.83 -24.03 -3.18
CA ASN A 240 -16.24 -23.80 -4.51
C ASN A 240 -15.18 -24.83 -4.89
N ASN A 241 -15.04 -25.03 -6.19
CA ASN A 241 -13.95 -25.86 -6.74
C ASN A 241 -12.67 -25.09 -6.41
N PRO A 242 -11.71 -25.71 -5.72
CA PRO A 242 -10.53 -24.99 -5.27
C PRO A 242 -9.69 -24.41 -6.39
N LYS A 243 -9.63 -25.12 -7.51
CA LYS A 243 -8.78 -24.68 -8.62
C LYS A 243 -9.38 -23.43 -9.27
N LYS A 244 -10.67 -23.47 -9.54
CA LYS A 244 -11.31 -22.31 -10.20
C LYS A 244 -11.21 -21.09 -9.28
N LEU A 245 -11.46 -21.27 -7.99
CA LEU A 245 -11.51 -20.11 -7.07
C LEU A 245 -10.14 -19.41 -7.02
N LYS A 246 -9.11 -20.20 -6.88
CA LYS A 246 -7.74 -19.67 -6.81
C LYS A 246 -7.43 -18.84 -8.07
N ASN A 247 -7.72 -19.42 -9.23
CA ASN A 247 -7.36 -18.73 -10.49
C ASN A 247 -8.22 -17.48 -10.69
N LYS A 248 -9.53 -17.58 -10.47
CA LYS A 248 -10.41 -16.41 -10.76
C LYS A 248 -10.08 -15.26 -9.82
N ALA A 249 -9.65 -15.56 -8.60
CA ALA A 249 -9.37 -14.52 -7.59
C ALA A 249 -7.91 -14.07 -7.64
N ASN A 250 -7.14 -14.53 -8.62
CA ASN A 250 -5.72 -14.08 -8.81
C ASN A 250 -4.88 -14.46 -7.59
N ILE A 251 -5.19 -15.60 -6.98
CA ILE A 251 -4.40 -16.10 -5.83
C ILE A 251 -3.93 -17.52 -6.18
N SER A 252 -3.56 -17.73 -7.43
CA SER A 252 -2.94 -19.03 -7.78
C SER A 252 -1.62 -19.02 -6.99
N THR A 253 -1.03 -20.19 -6.69
CA THR A 253 0.19 -20.29 -5.83
C THR A 253 -0.26 -20.33 -4.36
N SER A 254 -1.41 -19.73 -4.02
CA SER A 254 -1.92 -19.90 -2.65
C SER A 254 -2.31 -21.37 -2.47
N ARG A 255 -2.19 -21.93 -1.26
CA ARG A 255 -2.70 -23.29 -1.00
C ARG A 255 -4.11 -23.13 -0.38
N VAL A 256 -5.15 -23.54 -1.08
CA VAL A 256 -6.54 -23.24 -0.63
C VAL A 256 -6.81 -23.76 0.79
N GLU A 257 -6.28 -24.93 1.10
CA GLU A 257 -6.47 -25.53 2.44
C GLU A 257 -5.87 -24.60 3.48
N GLN A 258 -4.71 -24.04 3.17
CA GLN A 258 -4.04 -23.11 4.10
C GLN A 258 -4.88 -21.83 4.21
N LEU A 259 -5.48 -21.41 3.11
CA LEU A 259 -6.30 -20.17 3.12
C LEU A 259 -7.54 -20.39 4.02
N SER A 260 -8.10 -21.58 3.98
CA SER A 260 -9.26 -21.88 4.85
C SER A 260 -8.79 -21.79 6.31
N ASP A 261 -7.67 -22.43 6.62
CA ASP A 261 -7.07 -22.33 7.97
C ASP A 261 -6.81 -20.87 8.35
N ALA A 262 -6.24 -20.08 7.44
CA ALA A 262 -5.96 -18.66 7.71
C ALA A 262 -7.25 -17.89 8.05
N ALA A 263 -8.32 -18.19 7.31
CA ALA A 263 -9.59 -17.52 7.55
C ALA A 263 -10.17 -17.91 8.92
N ALA A 264 -10.05 -19.18 9.27
CA ALA A 264 -10.54 -19.63 10.58
C ALA A 264 -9.79 -18.86 11.68
N LEU A 265 -8.46 -18.85 11.56
CA LEU A 265 -7.65 -18.15 12.58
C LEU A 265 -8.06 -16.68 12.65
N LEU A 266 -8.18 -16.06 11.49
CA LEU A 266 -8.55 -14.62 11.43
C LEU A 266 -9.89 -14.37 12.13
N ALA A 267 -10.87 -15.22 11.86
CA ALA A 267 -12.17 -15.07 12.55
C ALA A 267 -12.00 -15.10 14.08
N VAL A 268 -11.28 -16.11 14.58
CA VAL A 268 -11.17 -16.29 16.06
C VAL A 268 -10.34 -15.16 16.68
N VAL A 269 -9.20 -14.85 16.05
CA VAL A 269 -8.33 -13.77 16.56
C VAL A 269 -9.12 -12.45 16.58
N SER A 270 -9.70 -12.07 15.46
CA SER A 270 -10.48 -10.82 15.35
C SER A 270 -11.53 -10.72 16.46
N ARG A 271 -12.28 -11.81 16.68
CA ARG A 271 -13.35 -11.81 17.72
C ARG A 271 -12.73 -11.60 19.12
N HIS A 272 -11.71 -12.39 19.42
CA HIS A 272 -11.05 -12.31 20.75
C HIS A 272 -10.34 -10.98 21.00
N LEU A 273 -9.88 -10.33 19.95
CA LEU A 273 -9.22 -8.99 20.10
C LEU A 273 -10.29 -7.89 20.06
N HIS A 274 -11.51 -8.24 19.71
CA HIS A 274 -12.63 -7.27 19.59
C HIS A 274 -12.27 -6.26 18.50
N SER A 275 -11.66 -6.73 17.41
CA SER A 275 -11.27 -5.83 16.28
C SER A 275 -12.52 -5.19 15.66
N ARG A 276 -12.48 -3.88 15.41
CA ARG A 276 -13.64 -3.17 14.80
C ARG A 276 -13.60 -3.29 13.27
N ALA A 277 -12.42 -3.51 12.71
CA ALA A 277 -12.23 -3.57 11.24
C ALA A 277 -10.95 -4.31 10.92
N LEU A 278 -10.93 -5.01 9.79
CA LEU A 278 -9.73 -5.73 9.33
C LEU A 278 -9.14 -4.94 8.18
N VAL A 279 -7.90 -4.47 8.33
CA VAL A 279 -7.32 -3.55 7.33
C VAL A 279 -6.03 -4.15 6.75
N THR A 280 -6.01 -4.30 5.43
CA THR A 280 -4.78 -4.84 4.82
C THR A 280 -3.72 -3.76 4.78
N SER A 281 -2.48 -4.16 5.02
CA SER A 281 -1.34 -3.29 4.78
C SER A 281 -0.50 -3.90 3.65
N ALA A 282 -0.21 -3.11 2.63
CA ALA A 282 0.72 -3.57 1.62
C ALA A 282 2.15 -3.73 2.16
N TYR A 283 2.46 -3.12 3.29
CA TYR A 283 3.82 -3.09 3.86
C TYR A 283 3.82 -3.99 5.08
N GLY A 284 4.78 -4.92 5.11
CA GLY A 284 4.92 -5.94 6.12
C GLY A 284 6.33 -5.93 6.67
N LEU A 285 6.75 -7.11 7.12
CA LEU A 285 8.08 -7.28 7.73
C LEU A 285 9.20 -6.69 6.85
N ARG A 286 9.16 -6.97 5.56
CA ARG A 286 10.26 -6.56 4.69
C ARG A 286 10.35 -5.04 4.63
N GLU A 287 9.20 -4.38 4.49
CA GLU A 287 9.19 -2.94 4.42
C GLU A 287 9.44 -2.34 5.78
N GLY A 288 9.17 -3.10 6.85
CA GLY A 288 9.53 -2.64 8.17
C GLY A 288 11.04 -2.60 8.36
N LEU A 289 11.76 -3.64 7.90
CA LEU A 289 13.22 -3.60 7.93
C LEU A 289 13.75 -2.35 7.22
N LEU A 290 13.18 -2.02 6.06
CA LEU A 290 13.65 -0.83 5.31
C LEU A 290 13.41 0.46 6.10
N TYR A 291 12.20 0.64 6.62
CA TYR A 291 11.85 1.77 7.45
C TYR A 291 12.80 1.93 8.65
N LEU A 292 13.15 0.83 9.31
CA LEU A 292 14.05 0.93 10.46
C LEU A 292 15.48 1.19 10.02
N SER A 293 15.81 0.88 8.76
CA SER A 293 17.12 1.22 8.22
C SER A 293 17.23 2.70 7.88
N LEU A 294 16.12 3.41 7.76
CA LEU A 294 16.20 4.83 7.46
C LEU A 294 16.76 5.64 8.63
N ASP A 295 17.40 6.77 8.28
CA ASP A 295 17.55 7.82 9.28
C ASP A 295 16.20 8.12 9.92
N LYS A 296 16.21 8.41 11.23
CA LYS A 296 14.94 8.54 11.94
C LYS A 296 14.08 9.68 11.40
N ALA A 297 14.68 10.78 11.00
CA ALA A 297 13.86 11.90 10.50
C ALA A 297 13.24 11.56 9.15
N THR A 298 13.91 10.77 8.32
CA THR A 298 13.32 10.38 7.04
C THR A 298 12.04 9.58 7.26
N ARG A 299 11.97 8.83 8.37
CA ARG A 299 10.80 7.99 8.66
C ARG A 299 9.51 8.79 8.78
N LYS A 300 9.61 10.03 9.23
CA LYS A 300 8.42 10.84 9.40
C LYS A 300 7.87 11.45 8.12
N LEU A 301 8.57 11.34 6.99
CA LEU A 301 8.00 11.87 5.76
C LEU A 301 6.74 11.11 5.33
N ASP A 302 5.82 11.84 4.71
CA ASP A 302 4.55 11.28 4.20
C ASP A 302 4.81 10.36 3.00
N PRO A 303 4.44 9.07 3.04
CA PRO A 303 4.89 8.16 1.96
C PRO A 303 4.06 8.27 0.69
N LEU A 304 2.82 8.72 0.80
CA LEU A 304 2.04 9.06 -0.40
C LEU A 304 2.70 10.21 -1.15
N LEU A 305 3.03 11.27 -0.46
CA LEU A 305 3.58 12.42 -1.19
C LEU A 305 4.99 12.12 -1.68
N TRP A 306 5.77 11.37 -0.88
CA TRP A 306 7.08 10.95 -1.34
C TRP A 306 6.99 10.16 -2.64
N SER A 307 6.09 9.18 -2.69
CA SER A 307 5.99 8.31 -3.85
C SER A 307 5.37 9.03 -5.04
N ALA A 308 4.41 9.92 -4.78
CA ALA A 308 3.84 10.66 -5.90
C ALA A 308 4.84 11.67 -6.45
N ASN A 309 5.65 12.28 -5.60
CA ASN A 309 6.71 13.17 -6.07
C ASN A 309 7.66 12.43 -6.99
N GLN A 310 8.10 11.24 -6.58
CA GLN A 310 9.03 10.45 -7.37
C GLN A 310 8.41 10.08 -8.71
N ARG A 311 7.14 9.68 -8.71
CA ARG A 311 6.47 9.36 -9.97
C ARG A 311 6.48 10.54 -10.94
N GLY A 312 6.12 11.75 -10.48
CA GLY A 312 6.17 12.89 -11.38
C GLY A 312 7.59 13.28 -11.82
N GLU A 313 8.59 13.05 -10.95
CA GLU A 313 9.98 13.21 -11.37
C GLU A 313 10.32 12.28 -12.54
N THR A 314 9.97 11.02 -12.42
CA THR A 314 10.44 10.05 -13.43
C THR A 314 9.58 10.01 -14.67
N ALA A 315 8.31 10.41 -14.55
CA ALA A 315 7.36 10.32 -15.64
C ALA A 315 7.06 11.65 -16.31
N GLY A 316 7.24 12.78 -15.62
CA GLY A 316 6.80 14.06 -16.17
C GLY A 316 7.66 14.57 -17.32
N ARG A 317 7.07 15.50 -18.07
CA ARG A 317 7.78 16.08 -19.20
C ARG A 317 8.94 16.95 -18.75
N PHE A 318 8.74 17.71 -17.68
CA PHE A 318 9.72 18.66 -17.16
C PHE A 318 10.11 18.25 -15.73
N TYR A 319 10.24 16.94 -15.53
CA TYR A 319 10.38 16.35 -14.19
C TYR A 319 9.17 16.80 -13.34
N GLN A 320 9.38 17.06 -12.06
CA GLN A 320 8.29 17.32 -11.11
C GLN A 320 8.05 18.82 -11.01
N GLN A 321 6.93 19.28 -11.56
CA GLN A 321 6.48 20.67 -11.52
C GLN A 321 5.24 20.84 -10.63
N GLY A 322 4.82 19.78 -9.93
CA GLY A 322 3.58 19.81 -9.17
C GLY A 322 3.57 20.75 -7.98
N GLU A 323 4.76 21.13 -7.46
CA GLU A 323 4.79 21.97 -6.25
C GLU A 323 4.26 23.38 -6.52
N ALA A 324 4.77 24.04 -7.56
CA ALA A 324 4.27 25.37 -7.91
C ALA A 324 2.80 25.30 -8.34
N LEU A 325 2.39 24.18 -8.92
CA LEU A 325 1.00 24.02 -9.32
C LEU A 325 0.10 23.94 -8.10
N TYR A 326 0.46 23.09 -7.14
CA TYR A 326 -0.31 23.00 -5.89
C TYR A 326 -0.38 24.35 -5.17
N ASP A 327 0.76 25.04 -5.02
CA ASP A 327 0.75 26.38 -4.47
C ASP A 327 -0.21 27.31 -5.22
N TRP A 328 -0.22 27.25 -6.55
CA TRP A 328 -1.04 28.18 -7.33
C TRP A 328 -2.53 27.86 -7.18
N MET A 329 -2.91 26.58 -7.19
CA MET A 329 -4.34 26.23 -7.28
C MET A 329 -4.98 26.26 -5.90
N SER A 330 -4.18 26.21 -4.83
CA SER A 330 -4.72 26.01 -3.48
C SER A 330 -5.37 27.25 -2.86
N THR A 331 -5.18 28.45 -3.44
CA THR A 331 -5.96 29.60 -2.97
C THR A 331 -7.46 29.44 -3.24
N LEU A 332 -7.86 28.66 -4.23
CA LEU A 332 -9.27 28.30 -4.39
C LEU A 332 -9.76 27.35 -3.31
N PHE A 333 -8.86 26.63 -2.64
CA PHE A 333 -9.25 25.43 -1.89
C PHE A 333 -8.87 25.52 -0.43
N ALA A 334 -8.69 26.74 0.09
CA ALA A 334 -8.20 26.92 1.46
C ALA A 334 -9.14 26.31 2.49
N GLN A 335 -10.44 26.25 2.17
CA GLN A 335 -11.48 25.75 3.07
C GLN A 335 -11.72 24.24 2.96
N ASP A 336 -10.94 23.52 2.15
CA ASP A 336 -11.05 22.06 2.10
C ASP A 336 -10.83 21.49 3.50
N PRO A 337 -11.42 20.35 3.83
CA PRO A 337 -11.24 19.76 5.14
C PRO A 337 -9.75 19.48 5.38
N PRO A 338 -9.31 19.45 6.64
CA PRO A 338 -7.87 19.29 6.91
C PRO A 338 -7.23 18.09 6.24
N ALA A 339 -7.87 16.93 6.27
CA ALA A 339 -7.25 15.74 5.69
C ALA A 339 -7.12 15.79 4.16
N TYR A 340 -7.76 16.73 3.50
CA TYR A 340 -7.81 16.71 2.04
C TYR A 340 -6.65 17.47 1.41
N HIS A 341 -5.96 18.35 2.15
CA HIS A 341 -4.91 19.13 1.51
C HIS A 341 -3.82 18.22 0.94
N ARG A 342 -3.47 17.16 1.68
CA ARG A 342 -2.41 16.27 1.18
C ARG A 342 -2.89 15.48 -0.02
N LEU A 343 -4.19 15.21 -0.12
CA LEU A 343 -4.70 14.51 -1.29
C LEU A 343 -4.68 15.40 -2.52
N ARG A 344 -5.05 16.69 -2.35
CA ARG A 344 -4.92 17.66 -3.44
C ARG A 344 -3.47 17.80 -3.89
N HIS A 345 -2.54 17.75 -2.93
CA HIS A 345 -1.12 17.83 -3.23
C HIS A 345 -0.66 16.62 -4.01
N ALA A 346 -1.07 15.41 -3.56
CA ALA A 346 -0.70 14.21 -4.30
C ALA A 346 -1.28 14.27 -5.72
N ALA A 347 -2.51 14.79 -5.88
CA ALA A 347 -3.02 14.89 -7.26
C ALA A 347 -2.18 15.82 -8.12
N CYS A 348 -1.78 16.98 -7.56
CA CYS A 348 -0.92 17.92 -8.29
C CYS A 348 0.40 17.30 -8.67
N LEU A 349 0.98 16.48 -7.77
CA LEU A 349 2.24 15.80 -8.09
C LEU A 349 2.09 14.81 -9.26
N LEU A 350 0.89 14.27 -9.46
CA LEU A 350 0.67 13.25 -10.47
C LEU A 350 0.00 13.80 -11.74
N ALA A 351 -0.14 15.13 -11.84
CA ALA A 351 -0.93 15.80 -12.88
C ALA A 351 -0.29 15.72 -14.28
N ASP A 352 0.99 15.36 -14.36
CA ASP A 352 1.62 15.21 -15.65
C ASP A 352 1.87 13.74 -16.00
N SER A 353 1.34 12.79 -15.22
CA SER A 353 1.84 11.42 -15.35
C SER A 353 1.19 10.61 -16.47
N ALA A 354 0.27 11.19 -17.27
CA ALA A 354 -0.31 10.47 -18.41
C ALA A 354 -0.09 11.23 -19.72
N TRP A 355 0.97 12.02 -19.80
CA TRP A 355 1.09 12.92 -20.94
C TRP A 355 1.38 12.21 -22.25
N GLN A 356 1.88 10.97 -22.20
CA GLN A 356 2.30 10.34 -23.43
C GLN A 356 1.15 9.67 -24.14
N ALA A 357 0.05 9.46 -23.45
CA ALA A 357 -1.12 8.78 -23.99
C ALA A 357 -1.85 9.67 -24.98
N ASN A 358 -2.52 9.07 -25.95
CA ASN A 358 -3.32 9.89 -26.84
C ASN A 358 -4.36 10.66 -26.04
N PRO A 359 -4.62 11.92 -26.42
CA PRO A 359 -5.49 12.80 -25.59
C PRO A 359 -6.78 12.13 -25.12
N ASP A 360 -7.44 11.38 -25.99
CA ASP A 360 -8.75 10.88 -25.55
C ASP A 360 -8.66 9.73 -24.52
N PHE A 361 -7.48 9.20 -24.23
CA PHE A 361 -7.36 8.10 -23.31
C PHE A 361 -6.57 8.47 -22.05
N ARG A 362 -6.16 9.73 -21.91
CA ARG A 362 -5.37 10.09 -20.75
C ARG A 362 -6.17 10.00 -19.46
N ALA A 363 -7.47 10.28 -19.51
CA ALA A 363 -8.29 10.15 -18.31
C ALA A 363 -8.37 8.69 -17.87
N GLU A 364 -8.54 7.79 -18.82
CA GLU A 364 -8.60 6.37 -18.52
C GLU A 364 -7.30 5.91 -17.85
N GLN A 365 -6.18 6.28 -18.47
CA GLN A 365 -4.85 5.91 -17.96
C GLN A 365 -4.63 6.44 -16.55
N ILE A 366 -4.80 7.76 -16.36
CA ILE A 366 -4.47 8.32 -15.04
C ILE A 366 -5.35 7.70 -13.98
N LEU A 367 -6.57 7.33 -14.33
CA LEU A 367 -7.46 6.73 -13.35
C LEU A 367 -6.95 5.36 -12.91
N SER A 368 -6.43 4.55 -13.84
CA SER A 368 -5.93 3.24 -13.44
C SER A 368 -4.62 3.38 -12.67
N ILE A 369 -3.80 4.37 -13.03
CA ILE A 369 -2.58 4.63 -12.28
C ILE A 369 -2.90 4.87 -10.80
N ILE A 370 -3.89 5.71 -10.53
CA ILE A 370 -4.30 6.02 -9.16
C ILE A 370 -5.03 4.84 -8.51
N LEU A 371 -6.04 4.31 -9.18
CA LEU A 371 -6.82 3.27 -8.54
C LEU A 371 -6.01 1.97 -8.40
N HIS A 372 -5.12 1.67 -9.38
CA HIS A 372 -4.45 0.37 -9.45
C HIS A 372 -2.93 0.50 -9.31
N GLY A 373 -2.47 1.58 -8.71
CA GLY A 373 -1.07 1.70 -8.37
C GLY A 373 -0.79 1.26 -6.93
N ARG A 374 0.48 1.08 -6.61
CA ARG A 374 0.82 0.61 -5.26
C ARG A 374 1.15 1.80 -4.34
N TRP A 375 0.15 2.59 -4.05
CA TRP A 375 0.29 3.78 -3.20
C TRP A 375 -0.01 3.38 -1.78
N VAL A 376 0.73 3.94 -0.83
CA VAL A 376 0.38 3.74 0.57
C VAL A 376 0.06 5.09 1.20
N GLY A 377 -0.29 5.10 2.49
CA GLY A 377 -0.76 6.34 3.07
C GLY A 377 -2.04 6.87 2.45
N LEU A 378 -2.93 5.95 2.01
CA LEU A 378 -4.11 6.33 1.24
C LEU A 378 -5.14 5.23 1.40
N ASP A 379 -6.42 5.58 1.50
CA ASP A 379 -7.46 4.54 1.47
C ASP A 379 -8.21 4.61 0.14
N ALA A 380 -9.15 3.67 -0.03
CA ALA A 380 -9.93 3.57 -1.26
C ALA A 380 -10.66 4.88 -1.60
N TYR A 381 -11.29 5.50 -0.59
CA TYR A 381 -11.98 6.78 -0.77
C TYR A 381 -11.02 7.86 -1.27
N GLY A 382 -9.81 7.90 -0.70
CA GLY A 382 -8.84 8.88 -1.15
C GLY A 382 -8.37 8.63 -2.58
N ARG A 383 -8.18 7.37 -2.96
CA ARG A 383 -7.84 7.01 -4.33
C ARG A 383 -8.90 7.51 -5.28
N ALA A 384 -10.16 7.21 -4.95
CA ALA A 384 -11.30 7.66 -5.75
C ALA A 384 -11.32 9.16 -5.91
N LEU A 385 -11.04 9.91 -4.84
CA LEU A 385 -11.02 11.37 -4.91
C LEU A 385 -9.91 11.87 -5.86
N ILE A 386 -8.68 11.43 -5.62
CA ILE A 386 -7.55 11.83 -6.47
C ILE A 386 -7.76 11.38 -7.90
N GLY A 387 -8.15 10.11 -8.08
CA GLY A 387 -8.36 9.59 -9.41
C GLY A 387 -9.44 10.34 -10.16
N GLN A 388 -10.55 10.67 -9.48
CA GLN A 388 -11.57 11.36 -10.26
C GLN A 388 -11.18 12.81 -10.55
N ALA A 389 -10.51 13.49 -9.59
CA ALA A 389 -9.93 14.80 -9.90
C ALA A 389 -9.01 14.75 -11.12
N LEU A 390 -8.15 13.73 -11.20
CA LEU A 390 -7.20 13.71 -12.29
C LEU A 390 -7.88 13.28 -13.59
N ALA A 391 -8.86 12.37 -13.53
CA ALA A 391 -9.62 12.07 -14.75
C ALA A 391 -10.25 13.34 -15.31
N VAL A 392 -10.86 14.15 -14.44
CA VAL A 392 -11.44 15.42 -14.85
C VAL A 392 -10.38 16.33 -15.45
N SER A 393 -9.20 16.37 -14.79
CA SER A 393 -8.13 17.22 -15.31
C SER A 393 -7.74 16.83 -16.74
N TYR A 394 -7.91 15.58 -17.11
CA TYR A 394 -7.61 15.11 -18.47
C TYR A 394 -8.87 14.96 -19.34
N ASP A 395 -9.94 15.70 -19.02
CA ASP A 395 -11.15 15.80 -19.84
C ASP A 395 -11.99 14.53 -19.85
N GLY A 396 -11.89 13.73 -18.81
CA GLY A 396 -12.76 12.58 -18.70
C GLY A 396 -14.01 12.92 -17.91
N ALA A 397 -15.10 12.20 -18.21
CA ALA A 397 -16.21 12.21 -17.27
C ALA A 397 -15.89 11.32 -16.07
N MET A 398 -16.73 11.40 -15.04
CA MET A 398 -16.53 10.61 -13.83
C MET A 398 -17.40 9.38 -13.84
N ASP A 399 -16.81 8.19 -13.93
CA ASP A 399 -17.61 6.93 -14.05
C ASP A 399 -18.44 6.68 -12.78
N LYS A 400 -17.82 6.83 -11.62
CA LYS A 400 -18.53 6.61 -10.32
C LYS A 400 -18.72 5.11 -10.10
N LYS A 401 -19.15 4.36 -11.11
CA LYS A 401 -19.18 2.92 -10.96
C LYS A 401 -17.77 2.32 -10.99
N ILE A 402 -16.78 2.99 -11.58
CA ILE A 402 -15.42 2.36 -11.47
C ILE A 402 -14.94 2.67 -10.05
N THR A 403 -15.43 3.77 -9.50
CA THR A 403 -15.09 4.10 -8.13
C THR A 403 -16.17 3.67 -7.14
N ASN A 404 -17.05 2.76 -7.55
CA ASN A 404 -18.03 2.12 -6.65
C ASN A 404 -18.97 3.13 -5.97
N ASN A 405 -19.22 4.31 -6.57
CA ASN A 405 -20.06 5.37 -5.96
C ASN A 405 -19.63 5.74 -4.54
N LEU A 406 -18.32 5.68 -4.28
CA LEU A 406 -17.86 5.92 -2.92
C LEU A 406 -18.00 7.38 -2.53
N LEU A 407 -17.79 8.29 -3.49
CA LEU A 407 -17.66 9.71 -3.15
C LEU A 407 -18.97 10.36 -2.78
N SER A 408 -18.91 11.21 -1.76
CA SER A 408 -20.03 12.11 -1.50
C SER A 408 -20.21 13.10 -2.65
N GLU A 409 -21.40 13.66 -2.73
CA GLU A 409 -21.61 14.72 -3.73
C GLU A 409 -20.71 15.92 -3.45
N ALA A 410 -20.60 16.37 -2.20
CA ALA A 410 -19.65 17.44 -1.89
C ALA A 410 -18.26 17.12 -2.43
N ASP A 411 -17.81 15.88 -2.27
CA ASP A 411 -16.44 15.58 -2.73
C ASP A 411 -16.36 15.33 -4.21
N THR A 412 -17.48 14.95 -4.84
CA THR A 412 -17.51 14.85 -6.30
C THR A 412 -17.35 16.24 -6.91
N ILE A 413 -18.12 17.22 -6.40
CA ILE A 413 -17.94 18.62 -6.82
C ILE A 413 -16.51 19.08 -6.55
N ARG A 414 -16.00 18.75 -5.37
CA ARG A 414 -14.63 19.14 -5.03
C ARG A 414 -13.60 18.56 -6.02
N ALA A 415 -13.75 17.29 -6.39
CA ALA A 415 -12.83 16.65 -7.33
C ALA A 415 -12.91 17.30 -8.70
N VAL A 416 -14.12 17.61 -9.16
CA VAL A 416 -14.28 18.28 -10.45
C VAL A 416 -13.58 19.62 -10.41
N ARG A 417 -13.74 20.36 -9.32
CA ARG A 417 -13.10 21.67 -9.22
C ARG A 417 -11.58 21.54 -9.13
N TRP A 418 -11.09 20.58 -8.33
CA TRP A 418 -9.64 20.33 -8.32
C TRP A 418 -9.12 20.05 -9.73
N GLY A 419 -9.80 19.15 -10.44
CA GLY A 419 -9.35 18.74 -11.77
C GLY A 419 -9.36 19.88 -12.77
N LYS A 420 -10.37 20.75 -12.70
CA LYS A 420 -10.42 21.84 -13.66
C LYS A 420 -9.34 22.86 -13.37
N ALA A 421 -9.07 23.11 -12.09
CA ALA A 421 -8.01 24.05 -11.71
C ALA A 421 -6.68 23.49 -12.09
N ILE A 422 -6.45 22.18 -11.85
CA ILE A 422 -5.19 21.56 -12.27
C ILE A 422 -4.97 21.75 -13.77
N ARG A 423 -6.02 21.50 -14.57
CA ARG A 423 -5.75 21.55 -16.00
C ARG A 423 -5.61 22.98 -16.49
N LEU A 424 -6.30 23.94 -15.88
CA LEU A 424 -6.05 25.35 -16.26
C LEU A 424 -4.59 25.71 -15.98
N GLY A 425 -4.08 25.33 -14.81
CA GLY A 425 -2.70 25.66 -14.49
C GLY A 425 -1.72 25.00 -15.43
N MET A 426 -1.96 23.72 -15.72
CA MET A 426 -1.09 22.95 -16.60
C MET A 426 -1.10 23.50 -18.04
N ARG A 427 -2.29 23.88 -18.54
CA ARG A 427 -2.38 24.41 -19.90
C ARG A 427 -1.82 25.84 -19.98
N LEU A 428 -2.08 26.66 -18.97
CA LEU A 428 -1.60 28.05 -18.98
C LEU A 428 -0.07 28.10 -18.97
N SER A 429 0.56 27.22 -18.20
CA SER A 429 2.02 27.20 -18.07
C SER A 429 2.70 26.30 -19.08
N GLY A 430 1.95 25.54 -19.88
CA GLY A 430 2.60 24.57 -20.73
C GLY A 430 3.19 23.39 -19.99
N GLY A 431 2.93 23.32 -18.71
CA GLY A 431 3.55 22.36 -17.82
C GLY A 431 4.75 22.90 -17.06
N VAL A 432 5.25 24.07 -17.43
CA VAL A 432 6.38 24.71 -16.73
C VAL A 432 5.77 25.60 -15.66
N THR A 433 5.47 24.99 -14.52
CA THR A 433 4.56 25.58 -13.53
C THR A 433 5.20 26.69 -12.71
N THR A 434 6.55 26.78 -12.70
CA THR A 434 7.24 27.95 -12.18
C THR A 434 6.62 29.23 -12.67
N SER A 435 6.18 29.27 -13.92
CA SER A 435 5.63 30.50 -14.47
C SER A 435 4.33 30.89 -13.80
N LEU A 436 3.65 29.94 -13.13
CA LEU A 436 2.45 30.32 -12.41
C LEU A 436 2.76 31.14 -11.16
N LYS A 437 4.03 31.28 -10.79
CA LYS A 437 4.40 32.11 -9.64
C LYS A 437 4.02 33.58 -9.85
N LYS A 438 3.73 34.00 -11.07
CA LYS A 438 3.37 35.39 -11.29
C LYS A 438 1.86 35.54 -11.49
N SER A 439 1.10 34.52 -11.11
CA SER A 439 -0.35 34.46 -11.28
C SER A 439 -1.02 34.06 -9.96
N THR A 440 -2.31 34.42 -9.82
CA THR A 440 -3.16 34.04 -8.68
C THR A 440 -4.53 33.64 -9.21
N ILE A 441 -5.16 32.61 -8.63
CA ILE A 441 -6.51 32.18 -9.05
C ILE A 441 -7.38 32.12 -7.80
N LEU A 442 -8.49 32.88 -7.80
CA LEU A 442 -9.25 33.19 -6.57
C LEU A 442 -10.74 32.97 -6.80
N TYR A 443 -11.46 32.73 -5.72
CA TYR A 443 -12.92 32.66 -5.73
C TYR A 443 -13.42 33.75 -4.80
N ARG A 444 -13.89 34.88 -5.34
CA ARG A 444 -14.44 35.95 -4.51
C ARG A 444 -15.66 36.53 -5.19
N ASN A 445 -16.69 36.75 -4.41
CA ASN A 445 -17.88 37.49 -4.86
C ASN A 445 -18.52 36.86 -6.09
N ASN A 446 -18.67 35.54 -6.08
CA ASN A 446 -19.26 34.79 -7.19
C ASN A 446 -18.48 34.99 -8.49
N LYS A 447 -17.17 35.21 -8.35
CA LYS A 447 -16.26 35.29 -9.47
C LYS A 447 -15.10 34.32 -9.28
N ILE A 448 -14.69 33.70 -10.38
CA ILE A 448 -13.41 32.98 -10.50
C ILE A 448 -12.48 33.92 -11.24
N ILE A 449 -11.41 34.37 -10.57
CA ILE A 449 -10.58 35.44 -11.11
C ILE A 449 -9.14 34.96 -11.24
N LEU A 450 -8.68 34.91 -12.50
CA LEU A 450 -7.30 34.62 -12.88
C LEU A 450 -6.58 35.95 -12.92
N GLN A 451 -5.62 36.14 -12.02
CA GLN A 451 -4.90 37.40 -11.91
C GLN A 451 -3.49 37.21 -12.43
N PHE A 452 -3.00 38.18 -13.19
CA PHE A 452 -1.63 38.19 -13.64
C PHE A 452 -0.91 39.35 -12.96
N SER A 453 0.16 39.04 -12.24
CA SER A 453 1.08 40.06 -11.75
C SER A 453 2.35 40.08 -12.56
N GLY A 454 2.39 39.30 -13.63
CA GLY A 454 3.58 39.07 -14.43
C GLY A 454 3.31 37.90 -15.35
N ASN A 455 4.27 37.63 -16.24
CA ASN A 455 4.08 36.70 -17.35
C ASN A 455 2.78 36.94 -18.13
N TYR A 456 2.46 38.22 -18.37
CA TYR A 456 1.23 38.59 -19.07
C TYR A 456 1.11 37.96 -20.44
N LYS A 457 2.24 37.67 -21.09
CA LYS A 457 2.17 37.13 -22.44
C LYS A 457 1.57 35.74 -22.46
N LEU A 458 1.52 35.05 -21.30
CA LEU A 458 0.93 33.71 -21.30
C LEU A 458 -0.56 33.72 -21.54
N LYS A 459 -1.22 34.87 -21.50
CA LYS A 459 -2.68 34.88 -21.45
C LYS A 459 -3.27 34.28 -22.72
N GLY A 460 -2.81 34.71 -23.89
CA GLY A 460 -3.46 34.19 -25.08
C GLY A 460 -4.96 34.39 -25.04
N GLU A 461 -5.69 33.53 -25.77
CA GLU A 461 -7.15 33.59 -25.79
C GLU A 461 -7.78 32.21 -25.63
N THR A 462 -7.35 31.29 -26.48
CA THR A 462 -7.95 29.95 -26.47
C THR A 462 -7.77 29.25 -25.11
N VAL A 463 -6.62 29.42 -24.49
CA VAL A 463 -6.36 28.68 -23.22
C VAL A 463 -7.40 29.08 -22.16
N LEU A 464 -7.98 30.28 -22.28
CA LEU A 464 -8.97 30.76 -21.35
C LEU A 464 -10.25 29.96 -21.42
N ARG A 465 -10.38 29.06 -22.39
CA ARG A 465 -11.51 28.15 -22.33
C ARG A 465 -11.44 27.28 -21.06
N ARG A 466 -10.23 26.98 -20.58
CA ARG A 466 -10.11 26.23 -19.34
C ARG A 466 -10.60 27.07 -18.16
N LEU A 467 -10.41 28.38 -18.22
CA LEU A 467 -10.91 29.24 -17.13
C LEU A 467 -12.44 29.27 -17.11
N ARG A 468 -13.05 29.35 -18.30
CA ARG A 468 -14.51 29.27 -18.43
C ARG A 468 -15.03 27.96 -17.82
N SER A 469 -14.39 26.84 -18.17
CA SER A 469 -14.79 25.57 -17.59
C SER A 469 -14.72 25.61 -16.05
N LEU A 470 -13.60 26.06 -15.50
CA LEU A 470 -13.47 26.17 -14.04
C LEU A 470 -14.55 27.06 -13.47
N ALA A 471 -14.78 28.21 -14.12
CA ALA A 471 -15.80 29.12 -13.61
C ALA A 471 -17.16 28.43 -13.58
N SER A 472 -17.47 27.71 -14.63
CA SER A 472 -18.74 27.00 -14.67
C SER A 472 -18.89 26.06 -13.48
N SER A 473 -17.81 25.36 -13.06
CA SER A 473 -17.92 24.42 -11.96
C SER A 473 -18.11 25.12 -10.60
N PHE A 474 -17.80 26.41 -10.53
CA PHE A 474 -17.99 27.21 -9.32
C PHE A 474 -19.28 28.04 -9.34
N GLU A 475 -20.09 27.90 -10.38
CA GLU A 475 -21.22 28.79 -10.64
C GLU A 475 -20.85 30.26 -10.51
N ALA A 476 -19.74 30.62 -11.16
CA ALA A 476 -19.12 31.92 -10.99
C ALA A 476 -18.85 32.60 -12.32
N SER A 477 -18.74 33.93 -12.24
CA SER A 477 -18.33 34.77 -13.34
C SER A 477 -16.82 34.61 -13.60
N GLU A 478 -16.47 34.24 -14.82
CA GLU A 478 -15.08 34.22 -15.24
C GLU A 478 -14.52 35.63 -15.31
N VAL A 479 -13.34 35.84 -14.72
CA VAL A 479 -12.71 37.16 -14.76
C VAL A 479 -11.24 36.95 -15.02
N VAL A 480 -10.66 37.79 -15.88
CA VAL A 480 -9.20 37.86 -16.02
C VAL A 480 -8.78 39.27 -15.68
N GLU A 481 -7.78 39.41 -14.82
CA GLU A 481 -7.34 40.70 -14.36
C GLU A 481 -5.83 40.78 -14.51
N PHE A 482 -5.32 41.85 -15.11
CA PHE A 482 -3.90 42.16 -15.05
C PHE A 482 -3.69 43.14 -13.90
N LEU A 483 -2.66 42.92 -13.10
CA LEU A 483 -2.41 43.76 -11.91
C LEU A 483 -1.13 44.55 -12.12
MG MG B . 7.16 -13.61 7.82
MG MG C . 6.48 -15.41 11.50
#